data_2A8G
#
_entry.id   2A8G
#
_cell.length_a   70.307
_cell.length_b   79.454
_cell.length_c   43.005
_cell.angle_alpha   90.00
_cell.angle_beta   90.00
_cell.angle_gamma   90.00
#
_symmetry.space_group_name_H-M   'P 21 21 2'
#
loop_
_entity.id
_entity.type
_entity.pdbx_description
1 polymer Avidin
2 non-polymer 2-acetamido-2-deoxy-beta-D-glucopyranose
3 non-polymer "2'-DEOXY-GUANOSINE"
4 water water
#
_entity_poly.entity_id   1
_entity_poly.type   'polypeptide(L)'
_entity_poly.pdbx_seq_one_letter_code
;KCSLTGKWTNDLGSNMTIGAVNSRGEFTGTYTTAVTATSNEIKESPLHGTENTINKRTQPTFGFTVNWKFSESTTVFTGQ
CFIDRNGKEVLKTMWLLRSSVNDIGDDWKATRVGINIFTRLRTQKE
;
_entity_poly.pdbx_strand_id   A,B
#
loop_
_chem_comp.id
_chem_comp.type
_chem_comp.name
_chem_comp.formula
GNG non-polymer 2'-DEOXY-GUANOSINE 'C10 H13 N5 O4'
NAG D-saccharide, beta linking 2-acetamido-2-deoxy-beta-D-glucopyranose 'C8 H15 N O6'
#
# COMPACT_ATOMS: atom_id res chain seq x y z
N LYS A 1 22.42 -3.51 -0.97
CA LYS A 1 22.94 -2.60 -2.04
C LYS A 1 21.94 -1.49 -2.47
N CYS A 2 20.67 -1.84 -2.72
CA CYS A 2 19.59 -0.83 -2.95
C CYS A 2 18.79 -0.68 -1.65
N SER A 3 18.87 0.52 -1.08
CA SER A 3 18.28 0.89 0.21
C SER A 3 17.23 2.00 -0.02
N LEU A 4 16.11 1.92 0.67
CA LEU A 4 15.02 2.86 0.44
C LEU A 4 15.25 4.20 1.15
N THR A 5 16.05 4.16 2.20
CA THR A 5 16.33 5.36 3.01
C THR A 5 16.95 6.46 2.18
N GLY A 6 16.40 7.67 2.29
CA GLY A 6 16.98 8.77 1.58
C GLY A 6 15.94 9.64 0.88
N LYS A 7 16.41 10.41 -0.10
CA LYS A 7 15.58 11.39 -0.78
C LYS A 7 15.45 10.99 -2.24
N TRP A 8 14.23 11.01 -2.75
CA TRP A 8 13.92 10.50 -4.08
C TRP A 8 13.07 11.49 -4.81
N THR A 9 13.14 11.41 -6.12
CA THR A 9 12.33 12.26 -6.95
C THR A 9 11.85 11.39 -8.09
N ASN A 10 10.68 11.72 -8.61
CA ASN A 10 10.11 10.91 -9.67
C ASN A 10 9.95 11.62 -10.99
N ASP A 11 9.35 10.90 -11.92
CA ASP A 11 9.24 11.30 -13.30
C ASP A 11 8.22 12.44 -13.53
N LEU A 12 7.31 12.64 -12.57
CA LEU A 12 6.38 13.77 -12.57
C LEU A 12 6.84 14.98 -11.72
N GLY A 13 8.03 14.89 -11.12
CA GLY A 13 8.55 15.96 -10.23
C GLY A 13 8.16 15.95 -8.74
N SER A 14 7.42 14.93 -8.29
CA SER A 14 7.21 14.74 -6.85
C SER A 14 8.50 14.29 -6.17
N ASN A 15 8.63 14.63 -4.88
CA ASN A 15 9.73 14.17 -4.08
C ASN A 15 9.24 13.37 -2.92
N MET A 16 10.07 12.45 -2.45
CA MET A 16 9.75 11.74 -1.26
C MET A 16 11.02 11.50 -0.45
N THR A 17 10.88 11.59 0.87
CA THR A 17 11.96 11.26 1.77
C THR A 17 11.52 10.06 2.57
N ILE A 18 12.44 9.12 2.78
CA ILE A 18 12.15 7.92 3.56
C ILE A 18 13.23 7.86 4.66
N GLY A 19 12.79 7.63 5.89
CA GLY A 19 13.71 7.42 7.02
C GLY A 19 14.34 6.02 7.10
N ALA A 20 14.85 5.68 8.28
CA ALA A 20 15.56 4.40 8.43
C ALA A 20 14.56 3.27 8.36
N VAL A 21 14.94 2.17 7.73
CA VAL A 21 14.13 1.00 7.84
C VAL A 21 14.62 0.10 8.99
N ASN A 22 13.68 -0.23 9.88
CA ASN A 22 13.98 -1.09 11.02
C ASN A 22 14.20 -2.55 10.63
N SER A 23 14.39 -3.40 11.62
CA SER A 23 14.71 -4.83 11.40
C SER A 23 13.48 -5.62 10.91
N ARG A 24 12.29 -5.08 11.18
CA ARG A 24 11.06 -5.67 10.63
C ARG A 24 10.79 -5.18 9.21
N GLY A 25 11.64 -4.28 8.70
CA GLY A 25 11.46 -3.73 7.35
C GLY A 25 10.50 -2.53 7.26
N GLU A 26 10.05 -2.02 8.41
CA GLU A 26 9.09 -0.88 8.48
C GLU A 26 9.82 0.48 8.31
N PHE A 27 9.17 1.41 7.62
CA PHE A 27 9.74 2.72 7.43
C PHE A 27 8.62 3.73 7.34
N THR A 28 8.98 4.98 7.61
CA THR A 28 8.09 6.13 7.48
C THR A 28 8.78 7.09 6.55
N GLY A 29 8.03 8.05 6.05
CA GLY A 29 8.57 9.03 5.15
C GLY A 29 7.59 10.18 4.92
N THR A 30 7.97 11.07 4.03
CA THR A 30 7.10 12.15 3.63
C THR A 30 7.00 12.25 2.09
N TYR A 31 5.82 12.66 1.59
CA TYR A 31 5.62 12.64 0.11
C TYR A 31 5.20 14.03 -0.28
N THR A 32 5.98 14.65 -1.15
CA THR A 32 5.75 16.06 -1.53
C THR A 32 5.40 16.21 -3.00
N THR A 33 4.28 16.88 -3.24
CA THR A 33 3.94 17.34 -4.57
C THR A 33 3.56 18.82 -4.64
N ALA A 34 3.79 19.32 -5.83
CA ALA A 34 3.31 20.52 -6.46
C ALA A 34 1.82 20.50 -6.87
N VAL A 35 1.33 21.72 -7.14
CA VAL A 35 -0.06 22.09 -7.40
C VAL A 35 -0.09 23.63 -7.53
N THR A 36 0.45 24.15 -8.63
CA THR A 36 0.88 23.37 -9.76
C THR A 36 1.97 24.12 -10.54
N ALA A 37 1.63 25.31 -11.02
CA ALA A 37 2.57 26.12 -11.78
C ALA A 37 3.67 26.75 -10.86
N THR A 38 5.02 26.83 -11.66
CA THR A 38 6.07 27.52 -10.83
C THR A 38 5.44 28.03 -9.54
N SER A 39 4.31 28.72 -9.70
CA SER A 39 3.50 29.16 -8.56
C SER A 39 2.58 28.04 -8.08
N ASN A 40 2.67 27.75 -6.78
CA ASN A 40 3.71 28.34 -5.97
C ASN A 40 4.46 27.19 -5.35
N GLU A 41 3.99 26.74 -4.19
CA GLU A 41 4.59 25.59 -3.56
C GLU A 41 3.67 24.38 -3.28
N ILE A 42 3.87 23.78 -2.12
CA ILE A 42 3.79 22.32 -2.01
C ILE A 42 2.82 21.83 -0.93
N LYS A 43 2.51 20.53 -0.97
CA LYS A 43 1.87 19.83 0.14
C LYS A 43 2.74 18.63 0.51
N GLU A 44 2.78 18.37 1.82
CA GLU A 44 3.54 17.27 2.37
C GLU A 44 2.55 16.33 3.03
N SER A 45 2.62 15.05 2.67
CA SER A 45 1.77 14.03 3.26
C SER A 45 2.62 12.87 3.82
N PRO A 46 2.19 12.29 4.94
CA PRO A 46 3.03 11.22 5.42
C PRO A 46 2.88 9.93 4.65
N LEU A 47 3.94 9.13 4.71
CA LEU A 47 3.87 7.78 4.17
C LEU A 47 4.37 6.73 5.18
N HIS A 48 3.80 5.52 5.10
CA HIS A 48 4.19 4.39 5.95
C HIS A 48 4.22 3.11 5.13
N GLY A 49 5.28 2.33 5.28
CA GLY A 49 5.41 1.16 4.44
C GLY A 49 6.32 0.11 5.05
N THR A 50 6.55 -0.95 4.29
CA THR A 50 7.43 -2.02 4.73
C THR A 50 8.12 -2.53 3.53
N GLU A 51 9.38 -2.89 3.74
CA GLU A 51 10.14 -3.56 2.71
C GLU A 51 10.23 -5.05 3.10
N ASN A 52 10.17 -5.92 2.10
CA ASN A 52 10.18 -7.34 2.36
C ASN A 52 11.61 -7.76 2.77
N THR A 53 11.75 -8.41 3.91
CA THR A 53 13.09 -8.85 4.38
C THR A 53 13.45 -10.34 4.14
N ILE A 54 12.60 -11.06 3.39
CA ILE A 54 12.84 -12.49 3.07
C ILE A 54 14.07 -12.69 2.15
N ASN A 55 15.01 -13.54 2.60
CA ASN A 55 16.24 -13.87 1.85
C ASN A 55 17.22 -12.70 1.72
N LYS A 56 17.03 -11.69 2.57
CA LYS A 56 17.83 -10.46 2.60
C LYS A 56 18.30 -10.00 1.23
N ARG A 57 17.34 -9.89 0.31
CA ARG A 57 17.66 -9.60 -1.07
C ARG A 57 18.38 -8.26 -1.20
N THR A 58 19.28 -8.14 -2.19
CA THR A 58 19.93 -6.87 -2.42
C THR A 58 18.95 -5.90 -3.08
N GLN A 59 17.92 -6.47 -3.77
CA GLN A 59 16.88 -5.66 -4.45
C GLN A 59 15.50 -6.08 -3.98
N PRO A 60 15.11 -5.64 -2.79
CA PRO A 60 13.89 -6.10 -2.20
C PRO A 60 12.63 -5.41 -2.83
N THR A 61 11.49 -6.10 -2.72
CA THR A 61 10.18 -5.48 -3.02
C THR A 61 9.74 -4.69 -1.80
N PHE A 62 8.83 -3.77 -2.02
CA PHE A 62 8.36 -2.96 -0.90
C PHE A 62 6.96 -2.44 -1.23
N GLY A 63 6.26 -1.91 -0.21
CA GLY A 63 4.98 -1.27 -0.46
C GLY A 63 4.83 -0.15 0.53
N PHE A 64 4.05 0.87 0.17
CA PHE A 64 3.76 1.95 1.12
C PHE A 64 2.47 2.62 0.77
N THR A 65 1.84 3.23 1.76
CA THR A 65 0.58 3.93 1.65
C THR A 65 0.86 5.41 1.95
N VAL A 66 0.33 6.28 1.10
CA VAL A 66 0.41 7.71 1.33
C VAL A 66 -1.00 8.14 1.71
N ASN A 67 -1.05 8.76 2.87
CA ASN A 67 -2.25 9.21 3.51
C ASN A 67 -2.31 10.70 3.20
N TRP A 68 -2.95 11.04 2.07
CA TRP A 68 -3.00 12.42 1.57
C TRP A 68 -3.56 13.39 2.61
N LYS A 69 -2.85 14.50 2.87
CA LYS A 69 -3.32 15.49 3.87
C LYS A 69 -4.27 16.56 3.36
N PHE A 70 -4.49 16.59 2.06
CA PHE A 70 -5.28 17.63 1.43
C PHE A 70 -6.50 17.07 0.67
N SER A 71 -6.80 15.79 0.88
CA SER A 71 -7.94 15.12 0.27
C SER A 71 -8.38 13.91 1.09
N GLU A 72 -9.50 13.32 0.71
CA GLU A 72 -10.01 12.16 1.38
C GLU A 72 -9.49 10.83 0.74
N SER A 73 -8.62 10.99 -0.23
CA SER A 73 -8.02 9.89 -1.01
C SER A 73 -6.85 9.19 -0.30
N THR A 74 -6.52 7.99 -0.78
CA THR A 74 -5.36 7.26 -0.33
C THR A 74 -4.68 6.69 -1.59
N THR A 75 -3.36 6.77 -1.66
CA THR A 75 -2.59 6.04 -2.66
C THR A 75 -1.71 4.94 -1.99
N VAL A 76 -1.64 3.79 -2.62
CA VAL A 76 -0.63 2.80 -2.25
C VAL A 76 0.31 2.61 -3.43
N PHE A 77 1.58 2.35 -3.11
CA PHE A 77 2.66 2.12 -4.08
C PHE A 77 3.25 0.79 -3.76
N THR A 78 3.57 0.04 -4.81
CA THR A 78 4.38 -1.16 -4.63
C THR A 78 5.44 -1.23 -5.72
N GLY A 79 6.63 -1.73 -5.37
CA GLY A 79 7.62 -1.91 -6.40
C GLY A 79 8.88 -2.59 -5.92
N GLN A 80 9.95 -2.36 -6.65
CA GLN A 80 11.19 -2.98 -6.31
C GLN A 80 12.31 -1.97 -6.50
N CYS A 81 13.26 -2.05 -5.59
CA CYS A 81 14.46 -1.23 -5.56
C CYS A 81 15.50 -1.94 -6.41
N PHE A 82 15.88 -1.37 -7.54
CA PHE A 82 16.92 -1.97 -8.36
C PHE A 82 18.24 -1.19 -8.36
N ILE A 83 19.31 -1.94 -8.57
CA ILE A 83 20.52 -1.35 -9.14
C ILE A 83 20.45 -1.47 -10.66
N ASP A 84 20.60 -0.35 -11.35
CA ASP A 84 20.63 -0.31 -12.81
C ASP A 84 22.01 -0.60 -13.38
N ARG A 85 22.05 -0.78 -14.70
CA ARG A 85 23.27 -1.20 -15.40
C ARG A 85 24.52 -0.51 -14.85
N ASN A 86 24.53 -0.27 -13.54
CA ASN A 86 25.78 0.07 -12.85
C ASN A 86 25.75 1.27 -11.87
N GLY A 87 25.46 0.96 -10.61
CA GLY A 87 25.70 1.88 -9.47
C GLY A 87 24.50 2.66 -8.95
N LYS A 88 23.73 3.26 -9.88
CA LYS A 88 22.59 4.12 -9.51
C LYS A 88 21.37 3.28 -9.14
N GLU A 89 20.73 3.67 -8.05
CA GLU A 89 19.53 3.01 -7.57
C GLU A 89 18.27 3.60 -8.23
N VAL A 90 17.28 2.72 -8.48
CA VAL A 90 16.02 3.14 -9.08
C VAL A 90 14.87 2.37 -8.41
N LEU A 91 13.82 3.10 -8.03
CA LEU A 91 12.58 2.46 -7.55
C LEU A 91 11.62 2.38 -8.74
N LYS A 92 11.24 1.17 -9.13
CA LYS A 92 10.23 0.98 -10.17
C LYS A 92 8.97 0.65 -9.40
N THR A 93 7.98 1.53 -9.47
CA THR A 93 6.76 1.29 -8.70
C THR A 93 5.51 1.33 -9.60
N MET A 94 4.45 0.75 -9.09
CA MET A 94 3.09 0.98 -9.57
C MET A 94 2.21 1.40 -8.39
N TRP A 95 1.17 2.15 -8.69
CA TRP A 95 0.33 2.70 -7.62
C TRP A 95 -1.12 2.51 -7.93
N LEU A 96 -1.96 2.54 -6.88
CA LEU A 96 -3.39 2.63 -6.99
C LEU A 96 -3.80 3.86 -6.18
N LEU A 97 -4.51 4.76 -6.82
CA LEU A 97 -5.10 5.94 -6.13
C LEU A 97 -6.60 5.69 -5.94
N ARG A 98 -7.01 5.65 -4.67
CA ARG A 98 -8.35 5.42 -4.28
C ARG A 98 -9.01 6.78 -3.91
N SER A 99 -10.00 7.19 -4.69
CA SER A 99 -10.90 8.30 -4.33
C SER A 99 -11.99 7.85 -3.34
N SER A 100 -12.42 8.76 -2.47
CA SER A 100 -13.62 8.58 -1.67
C SER A 100 -14.89 8.77 -2.53
N VAL A 101 -15.83 7.84 -2.47
CA VAL A 101 -17.12 8.08 -3.11
C VAL A 101 -18.17 8.06 -2.00
N ASN A 102 -19.28 8.77 -2.21
CA ASN A 102 -20.36 8.79 -1.21
C ASN A 102 -21.31 7.57 -1.22
N ASP A 103 -21.59 7.03 -2.40
CA ASP A 103 -22.44 5.85 -2.51
C ASP A 103 -21.61 4.63 -2.94
N ILE A 104 -21.87 3.48 -2.33
CA ILE A 104 -21.29 2.21 -2.76
C ILE A 104 -21.52 1.87 -4.24
N GLY A 105 -22.57 2.46 -4.83
CA GLY A 105 -22.90 2.30 -6.25
C GLY A 105 -21.89 2.93 -7.19
N ASP A 106 -21.11 3.89 -6.70
CA ASP A 106 -20.03 4.51 -7.45
C ASP A 106 -18.64 3.89 -7.19
N ASP A 107 -18.58 2.85 -6.38
CA ASP A 107 -17.31 2.22 -5.99
C ASP A 107 -16.49 1.84 -7.23
N TRP A 108 -17.17 1.41 -8.29
CA TRP A 108 -16.52 0.84 -9.48
C TRP A 108 -15.59 1.83 -10.16
N LYS A 109 -15.85 3.16 -10.03
CA LYS A 109 -15.05 4.13 -10.74
C LYS A 109 -14.04 4.87 -9.81
N ALA A 110 -13.87 4.37 -8.60
CA ALA A 110 -13.04 5.04 -7.55
C ALA A 110 -11.53 4.75 -7.56
N THR A 111 -11.05 3.91 -8.47
CA THR A 111 -9.65 3.55 -8.46
C THR A 111 -8.88 3.81 -9.72
N ARG A 112 -7.87 4.66 -9.59
CA ARG A 112 -6.95 4.92 -10.69
C ARG A 112 -5.66 4.11 -10.52
N VAL A 113 -5.00 3.89 -11.64
CA VAL A 113 -3.78 3.09 -11.65
C VAL A 113 -2.72 3.82 -12.45
N GLY A 114 -1.46 3.63 -12.07
CA GLY A 114 -0.35 4.12 -12.91
C GLY A 114 0.98 3.71 -12.42
N ILE A 115 2.02 4.31 -13.00
CA ILE A 115 3.38 4.02 -12.57
C ILE A 115 4.13 5.23 -12.09
N ASN A 116 5.18 4.98 -11.33
CA ASN A 116 6.22 5.98 -11.07
C ASN A 116 7.60 5.35 -11.01
N ILE A 117 8.56 6.03 -11.57
CA ILE A 117 9.95 5.67 -11.40
C ILE A 117 10.67 6.73 -10.55
N PHE A 118 11.39 6.31 -9.51
CA PHE A 118 12.10 7.24 -8.63
C PHE A 118 13.61 7.08 -8.74
N THR A 119 14.32 8.21 -8.72
CA THR A 119 15.78 8.22 -8.64
C THR A 119 16.21 9.06 -7.43
N ARG A 120 17.44 8.87 -6.95
CA ARG A 120 17.93 9.62 -5.79
C ARG A 120 18.03 11.13 -6.09
N LEU A 121 17.61 11.93 -5.11
CA LEU A 121 17.69 13.38 -5.23
C LEU A 121 19.11 13.80 -4.86
N LYS B 1 -18.88 5.33 11.61
CA LYS B 1 -19.82 4.17 11.45
C LYS B 1 -19.16 2.92 10.84
N CYS B 2 -18.36 3.06 9.77
CA CYS B 2 -17.56 1.91 9.28
C CYS B 2 -16.13 2.02 9.81
N SER B 3 -15.77 1.04 10.65
CA SER B 3 -14.48 1.00 11.35
C SER B 3 -13.65 -0.20 10.88
N LEU B 4 -12.37 0.02 10.62
CA LEU B 4 -11.51 -1.04 10.11
C LEU B 4 -11.16 -2.10 11.15
N THR B 5 -11.13 -1.69 12.43
CA THR B 5 -10.80 -2.56 13.56
C THR B 5 -11.68 -3.81 13.64
N GLY B 6 -11.06 -4.98 13.71
CA GLY B 6 -11.81 -6.21 13.87
C GLY B 6 -11.32 -7.30 12.97
N LYS B 7 -12.18 -8.30 12.75
CA LYS B 7 -11.84 -9.49 11.97
C LYS B 7 -12.68 -9.48 10.71
N TRP B 8 -12.05 -9.87 9.60
CA TRP B 8 -12.66 -9.74 8.28
C TRP B 8 -12.35 -11.01 7.54
N THR B 9 -13.21 -11.38 6.62
CA THR B 9 -12.89 -12.47 5.71
C THR B 9 -13.24 -11.99 4.31
N ASN B 10 -12.56 -12.51 3.31
CA ASN B 10 -12.87 -12.13 1.93
C ASN B 10 -13.47 -13.20 1.07
N ASP B 11 -13.64 -12.83 -0.20
CA ASP B 11 -14.30 -13.61 -1.22
C ASP B 11 -13.51 -14.87 -1.69
N LEU B 12 -12.19 -14.86 -1.48
CA LEU B 12 -11.36 -16.04 -1.69
C LEU B 12 -11.11 -16.89 -0.41
N GLY B 13 -11.73 -16.53 0.72
CA GLY B 13 -11.49 -17.20 1.99
C GLY B 13 -10.32 -16.79 2.88
N SER B 14 -9.52 -15.77 2.53
CA SER B 14 -8.49 -15.30 3.46
C SER B 14 -9.13 -14.51 4.59
N ASN B 15 -8.48 -14.48 5.75
CA ASN B 15 -8.95 -13.73 6.89
C ASN B 15 -7.95 -12.68 7.22
N MET B 16 -8.42 -11.63 7.88
CA MET B 16 -7.57 -10.54 8.24
C MET B 16 -8.07 -9.98 9.55
N THR B 17 -7.16 -9.65 10.46
CA THR B 17 -7.49 -9.01 11.71
C THR B 17 -6.82 -7.67 11.74
N ILE B 18 -7.53 -6.62 12.08
CA ILE B 18 -6.89 -5.29 12.16
C ILE B 18 -7.07 -4.76 13.56
N GLY B 19 -6.03 -4.15 14.09
CA GLY B 19 -6.04 -3.60 15.46
C GLY B 19 -6.68 -2.23 15.53
N ALA B 20 -6.41 -1.52 16.62
CA ALA B 20 -7.01 -0.21 16.83
C ALA B 20 -6.36 0.76 15.86
N VAL B 21 -7.14 1.73 15.40
CA VAL B 21 -6.55 2.78 14.62
C VAL B 21 -6.33 4.03 15.47
N ASN B 22 -5.08 4.47 15.46
CA ASN B 22 -4.66 5.59 16.30
C ASN B 22 -5.10 6.92 15.72
N SER B 23 -4.73 8.01 16.36
CA SER B 23 -5.30 9.31 16.01
C SER B 23 -4.74 9.83 14.68
N ARG B 24 -3.58 9.29 14.29
CA ARG B 24 -3.00 9.56 12.96
C ARG B 24 -3.58 8.66 11.85
N GLY B 25 -4.49 7.77 12.20
CA GLY B 25 -5.05 6.83 11.21
C GLY B 25 -4.26 5.55 10.97
N GLU B 26 -3.23 5.30 11.78
CA GLU B 26 -2.33 4.16 11.60
C GLU B 26 -2.87 2.93 12.28
N PHE B 27 -2.69 1.78 11.65
CA PHE B 27 -3.12 0.50 12.19
C PHE B 27 -2.16 -0.59 11.76
N THR B 28 -2.20 -1.68 12.52
CA THR B 28 -1.42 -2.88 12.24
C THR B 28 -2.40 -4.01 12.26
N GLY B 29 -2.05 -5.16 11.69
CA GLY B 29 -2.86 -6.36 11.91
C GLY B 29 -2.12 -7.53 11.31
N THR B 30 -2.86 -8.56 10.95
CA THR B 30 -2.36 -9.81 10.42
C THR B 30 -3.26 -10.28 9.27
N TYR B 31 -2.67 -10.90 8.27
CA TYR B 31 -3.37 -11.40 7.12
C TYR B 31 -3.09 -12.90 7.03
N THR B 32 -4.15 -13.71 7.02
CA THR B 32 -4.04 -15.20 6.93
C THR B 32 -4.65 -15.79 5.65
N THR B 33 -3.88 -16.65 4.96
CA THR B 33 -4.33 -17.56 3.84
C THR B 33 -3.77 -18.98 4.24
N ALA B 34 -4.30 -20.19 3.99
CA ALA B 34 -4.72 -21.00 2.81
C ALA B 34 -4.10 -20.83 1.40
N VAL B 35 -4.57 -21.54 0.36
CA VAL B 35 -5.22 -22.87 0.43
C VAL B 35 -4.18 -23.93 0.04
N THR B 36 -2.92 -23.61 0.32
CA THR B 36 -1.77 -24.43 -0.03
C THR B 36 -2.01 -25.94 0.19
N ALA B 37 -2.12 -26.37 1.44
CA ALA B 37 -2.43 -27.77 1.71
C ALA B 37 -2.41 -28.10 3.20
N THR B 38 -1.55 -29.05 3.59
CA THR B 38 -1.50 -29.45 4.99
C THR B 38 -2.64 -30.40 5.31
N SER B 39 -2.82 -30.65 6.60
CA SER B 39 -4.09 -31.11 7.12
C SER B 39 -4.83 -29.89 7.69
N ASN B 40 -4.06 -28.83 8.02
CA ASN B 40 -4.62 -27.49 8.22
C ASN B 40 -4.76 -26.89 6.82
N GLU B 41 -3.95 -25.89 6.49
CA GLU B 41 -3.17 -25.08 7.44
C GLU B 41 -2.64 -23.82 6.71
N ILE B 42 -2.22 -22.86 7.51
CA ILE B 42 -2.22 -21.45 7.12
C ILE B 42 -0.85 -20.77 7.22
N LYS B 43 -0.73 -19.58 6.62
CA LYS B 43 0.39 -18.66 6.88
C LYS B 43 -0.15 -17.34 7.36
N GLU B 44 0.53 -16.74 8.33
CA GLU B 44 0.18 -15.46 8.90
C GLU B 44 1.27 -14.48 8.53
N SER B 45 0.88 -13.34 7.94
CA SER B 45 1.83 -12.27 7.58
C SER B 45 1.35 -10.94 8.19
N PRO B 46 2.28 -10.08 8.63
CA PRO B 46 1.79 -8.87 9.25
C PRO B 46 1.36 -7.83 8.19
N LEU B 47 0.45 -6.94 8.58
CA LEU B 47 0.15 -5.82 7.72
C LEU B 47 0.21 -4.50 8.47
N HIS B 48 0.52 -3.41 7.76
CA HIS B 48 0.59 -2.10 8.34
C HIS B 48 -0.02 -1.11 7.33
N GLY B 49 -0.83 -0.21 7.84
CA GLY B 49 -1.50 0.74 6.95
C GLY B 49 -2.00 1.97 7.61
N THR B 50 -2.71 2.79 6.84
CA THR B 50 -3.32 4.04 7.35
C THR B 50 -4.70 4.23 6.74
N GLU B 51 -5.55 4.80 7.55
CA GLU B 51 -6.85 5.18 7.15
C GLU B 51 -6.80 6.73 6.99
N ASN B 52 -7.45 7.25 5.98
CA ASN B 52 -7.44 8.67 5.75
C ASN B 52 -8.40 9.32 6.77
N THR B 53 -7.91 10.30 7.52
CA THR B 53 -8.75 10.95 8.55
C THR B 53 -9.35 12.32 8.15
N ILE B 54 -9.12 12.76 6.90
CA ILE B 54 -9.64 14.06 6.42
C ILE B 54 -11.18 14.14 6.38
N ASN B 55 -11.75 15.12 7.10
CA ASN B 55 -13.21 15.36 7.17
C ASN B 55 -13.96 14.31 7.99
N LYS B 56 -13.20 13.53 8.78
CA LYS B 56 -13.71 12.47 9.65
C LYS B 56 -14.86 11.69 9.04
N ARG B 57 -14.67 11.26 7.79
CA ARG B 57 -15.71 10.55 7.05
C ARG B 57 -16.17 9.27 7.75
N THR B 58 -17.45 8.95 7.59
CA THR B 58 -18.00 7.74 8.20
C THR B 58 -17.62 6.50 7.35
N GLN B 59 -17.22 6.76 6.11
CA GLN B 59 -16.78 5.70 5.17
C GLN B 59 -15.39 6.03 4.58
N PRO B 60 -14.33 5.91 5.39
CA PRO B 60 -13.03 6.45 5.00
C PRO B 60 -12.31 5.56 4.00
N THR B 61 -11.40 6.12 3.22
CA THR B 61 -10.52 5.33 2.37
C THR B 61 -9.33 4.90 3.23
N PHE B 62 -8.55 3.94 2.74
CA PHE B 62 -7.44 3.40 3.55
C PHE B 62 -6.55 2.64 2.58
N GLY B 63 -5.31 2.37 2.99
CA GLY B 63 -4.41 1.50 2.25
C GLY B 63 -3.63 0.69 3.28
N PHE B 64 -3.16 -0.51 2.90
CA PHE B 64 -2.19 -1.19 3.73
C PHE B 64 -1.26 -2.05 2.88
N THR B 65 -0.12 -2.45 3.46
CA THR B 65 0.85 -3.27 2.79
C THR B 65 0.95 -4.55 3.58
N VAL B 66 0.97 -5.67 2.87
CA VAL B 66 1.17 -6.98 3.49
C VAL B 66 2.56 -7.40 3.04
N ASN B 67 3.38 -7.64 4.05
CA ASN B 67 4.74 -8.01 3.94
C ASN B 67 4.76 -9.56 4.07
N TRP B 68 4.64 -10.26 2.95
CA TRP B 68 4.49 -11.73 2.94
C TRP B 68 5.67 -12.44 3.65
N LYS B 69 5.33 -13.36 4.55
CA LYS B 69 6.41 -14.00 5.35
C LYS B 69 6.98 -15.25 4.70
N PHE B 70 6.32 -15.72 3.66
CA PHE B 70 6.66 -16.97 3.00
C PHE B 70 7.13 -16.77 1.58
N SER B 71 7.31 -15.49 1.18
CA SER B 71 7.83 -15.14 -0.15
C SER B 71 8.59 -13.80 -0.20
N GLU B 72 9.22 -13.51 -1.33
CA GLU B 72 9.90 -12.23 -1.50
C GLU B 72 8.98 -11.09 -2.08
N SER B 73 7.70 -11.41 -2.11
CA SER B 73 6.63 -10.54 -2.66
C SER B 73 6.06 -9.58 -1.66
N THR B 74 5.44 -8.51 -2.17
CA THR B 74 4.69 -7.57 -1.37
C THR B 74 3.34 -7.36 -2.03
N THR B 75 2.27 -7.26 -1.24
CA THR B 75 0.99 -6.76 -1.76
C THR B 75 0.58 -5.47 -1.08
N VAL B 76 0.01 -4.55 -1.87
CA VAL B 76 -0.64 -3.39 -1.28
C VAL B 76 -2.11 -3.43 -1.61
N PHE B 77 -2.94 -2.98 -0.66
CA PHE B 77 -4.41 -2.97 -0.81
C PHE B 77 -4.86 -1.53 -0.55
N THR B 78 -5.76 -1.02 -1.38
CA THR B 78 -6.37 0.26 -1.09
C THR B 78 -7.87 0.13 -1.25
N GLY B 79 -8.66 0.81 -0.44
CA GLY B 79 -10.08 0.76 -0.65
C GLY B 79 -10.84 1.75 0.19
N GLN B 80 -12.11 1.45 0.36
CA GLN B 80 -12.98 2.27 1.19
C GLN B 80 -13.87 1.33 2.00
N CYS B 81 -14.08 1.72 3.24
CA CYS B 81 -15.00 1.08 4.19
C CYS B 81 -16.40 1.63 3.95
N PHE B 82 -17.34 0.81 3.52
CA PHE B 82 -18.70 1.26 3.28
C PHE B 82 -19.66 0.66 4.24
N ILE B 83 -20.73 1.40 4.52
CA ILE B 83 -21.97 0.76 4.99
C ILE B 83 -22.72 0.40 3.71
N ASP B 84 -22.87 -0.90 3.44
CA ASP B 84 -23.61 -1.37 2.26
C ASP B 84 -25.13 -1.01 2.25
N ARG B 85 -25.80 -1.23 1.12
CA ARG B 85 -27.23 -0.95 0.98
C ARG B 85 -28.04 -1.72 2.03
N ASN B 86 -27.55 -2.89 2.40
CA ASN B 86 -28.20 -3.72 3.41
C ASN B 86 -27.85 -3.38 4.89
N GLY B 87 -27.00 -2.38 5.10
CA GLY B 87 -26.64 -1.89 6.41
C GLY B 87 -25.41 -2.53 7.00
N LYS B 88 -24.85 -3.52 6.31
CA LYS B 88 -23.65 -4.19 6.83
C LYS B 88 -22.35 -3.54 6.30
N GLU B 89 -21.30 -3.61 7.12
CA GLU B 89 -20.00 -3.04 6.79
C GLU B 89 -19.32 -3.90 5.73
N VAL B 90 -18.67 -3.26 4.76
CA VAL B 90 -17.93 -3.96 3.73
C VAL B 90 -16.66 -3.15 3.35
N LEU B 91 -15.54 -3.83 3.14
CA LEU B 91 -14.34 -3.18 2.60
C LEU B 91 -14.25 -3.56 1.16
N LYS B 92 -14.38 -2.58 0.25
CA LYS B 92 -14.21 -2.81 -1.17
C LYS B 92 -12.77 -2.44 -1.47
N THR B 93 -11.94 -3.41 -1.92
CA THR B 93 -10.52 -3.16 -2.09
C THR B 93 -10.04 -3.55 -3.46
N MET B 94 -8.96 -2.93 -3.87
CA MET B 94 -8.15 -3.37 -4.97
C MET B 94 -6.73 -3.49 -4.46
N TRP B 95 -5.98 -4.39 -5.11
CA TRP B 95 -4.63 -4.69 -4.67
C TRP B 95 -3.67 -4.78 -5.84
N LEU B 96 -2.39 -4.54 -5.56
CA LEU B 96 -1.31 -4.83 -6.48
C LEU B 96 -0.39 -5.81 -5.76
N LEU B 97 -0.03 -6.88 -6.46
CA LEU B 97 0.92 -7.91 -5.96
C LEU B 97 2.24 -7.80 -6.75
N ARG B 98 3.29 -7.34 -6.06
CA ARG B 98 4.61 -7.15 -6.68
C ARG B 98 5.45 -8.44 -6.40
N SER B 99 5.82 -9.12 -7.46
CA SER B 99 6.80 -10.22 -7.44
C SER B 99 8.19 -9.64 -7.51
N SER B 100 9.15 -10.32 -6.87
CA SER B 100 10.54 -10.00 -6.99
C SER B 100 11.07 -10.49 -8.35
N VAL B 101 11.76 -9.64 -9.10
CA VAL B 101 12.47 -10.14 -10.26
C VAL B 101 13.98 -9.92 -10.10
N ASN B 102 14.78 -10.75 -10.76
CA ASN B 102 16.24 -10.65 -10.63
C ASN B 102 16.83 -9.59 -11.54
N ASP B 103 16.31 -9.46 -12.75
CA ASP B 103 16.77 -8.43 -13.66
C ASP B 103 15.77 -7.27 -13.85
N ILE B 104 16.25 -6.02 -13.85
CA ILE B 104 15.40 -4.86 -14.13
C ILE B 104 14.69 -4.92 -15.50
N GLY B 105 15.26 -5.70 -16.43
CA GLY B 105 14.57 -6.03 -17.70
C GLY B 105 13.27 -6.88 -17.62
N ASP B 106 13.04 -7.56 -16.50
CA ASP B 106 11.80 -8.32 -16.28
C ASP B 106 10.79 -7.52 -15.41
N ASP B 107 11.12 -6.29 -15.06
CA ASP B 107 10.27 -5.45 -14.22
C ASP B 107 8.83 -5.36 -14.78
N TRP B 108 8.71 -5.29 -16.11
CA TRP B 108 7.44 -5.11 -16.79
C TRP B 108 6.40 -6.18 -16.45
N LYS B 109 6.82 -7.40 -16.08
CA LYS B 109 5.87 -8.45 -15.79
C LYS B 109 5.73 -8.76 -14.31
N ALA B 110 6.24 -7.88 -13.46
CA ALA B 110 6.25 -8.21 -12.00
C ALA B 110 5.00 -7.82 -11.22
N THR B 111 4.04 -7.17 -11.89
CA THR B 111 2.84 -6.64 -11.12
C THR B 111 1.51 -7.25 -11.50
N ARG B 112 0.86 -7.92 -10.55
CA ARG B 112 -0.50 -8.39 -10.73
C ARG B 112 -1.51 -7.45 -10.04
N VAL B 113 -2.75 -7.42 -10.54
CA VAL B 113 -3.78 -6.53 -10.01
C VAL B 113 -5.03 -7.41 -9.83
N GLY B 114 -5.82 -7.09 -8.81
CA GLY B 114 -7.08 -7.74 -8.60
C GLY B 114 -7.92 -7.01 -7.55
N ILE B 115 -9.02 -7.63 -7.14
CA ILE B 115 -9.88 -7.04 -6.11
C ILE B 115 -10.07 -8.00 -4.97
N ASN B 116 -10.51 -7.45 -3.85
CA ASN B 116 -11.02 -8.26 -2.78
C ASN B 116 -12.12 -7.52 -2.07
N ILE B 117 -13.17 -8.24 -1.67
CA ILE B 117 -14.25 -7.65 -0.87
C ILE B 117 -14.23 -8.31 0.49
N PHE B 118 -14.22 -7.51 1.58
CA PHE B 118 -14.20 -8.07 2.93
C PHE B 118 -15.49 -7.80 3.68
N THR B 119 -15.94 -8.79 4.41
CA THR B 119 -17.07 -8.63 5.34
C THR B 119 -16.62 -9.10 6.73
N ARG B 120 -17.33 -8.66 7.76
CA ARG B 120 -16.94 -9.01 9.13
C ARG B 120 -17.09 -10.54 9.38
N LEU B 121 -16.11 -11.09 10.09
CA LEU B 121 -16.10 -12.50 10.45
C LEU B 121 -16.91 -12.60 11.73
C1 NAG C . 11.72 18.38 -5.35
C2 NAG C . 10.81 19.61 -5.50
C3 NAG C . 11.43 20.75 -6.33
C4 NAG C . 12.87 21.04 -5.90
C5 NAG C . 13.72 19.82 -5.55
C6 NAG C . 14.76 20.32 -4.56
C7 NAG C . 8.47 19.39 -5.29
C8 NAG C . 7.19 18.77 -5.73
N2 NAG C . 9.52 19.30 -6.09
O3 NAG C . 10.69 21.93 -6.10
O4 NAG C . 13.52 21.78 -6.94
O5 NAG C . 13.02 18.76 -4.90
O6 NAG C . 15.79 19.37 -4.54
O7 NAG C . 8.54 19.94 -4.19
C1 NAG D . -10.96 -17.85 8.27
C2 NAG D . -10.23 -19.17 8.02
C3 NAG D . -11.25 -20.31 7.95
C4 NAG D . -12.08 -20.34 9.23
C5 NAG D . -12.67 -18.97 9.52
C6 NAG D . -13.27 -18.94 10.91
C7 NAG D . -8.13 -19.15 6.80
C8 NAG D . -7.47 -19.04 5.45
N2 NAG D . -9.46 -19.10 6.80
O3 NAG D . -10.64 -21.58 7.71
O4 NAG D . -13.14 -21.27 9.04
O5 NAG D . -11.69 -17.95 9.48
O6 NAG D . -14.41 -18.10 10.82
O7 NAG D . -7.48 -19.26 7.84
O5' GNG E . 2.97 -14.23 -3.07
C5' GNG E . 1.69 -14.84 -3.18
C4' GNG E . 0.88 -14.23 -2.07
O4' GNG E . 0.13 -13.14 -2.60
C1' GNG E . -1.05 -13.04 -1.81
N9 GNG E . -2.08 -12.13 -2.37
C8 GNG E . -1.84 -11.18 -3.29
N7 GNG E . -3.02 -10.57 -3.56
C5 GNG E . -3.96 -11.14 -2.78
C4 GNG E . -3.38 -12.13 -2.03
N3 GNG E . -4.14 -12.86 -1.15
C2 GNG E . -5.47 -12.60 -1.03
N1 GNG E . -6.04 -11.64 -1.77
C6 GNG E . -5.31 -10.93 -2.63
O6 GNG E . -5.88 -10.07 -3.29
N2 GNG E . -6.29 -13.27 -0.18
C2' GNG E . -1.50 -14.49 -1.67
C3' GNG E . -0.16 -15.15 -1.46
O3' GNG E . 0.05 -15.16 -0.05
#